data_5ZAJ
#
_entry.id   5ZAJ
#
_cell.length_a   120.350
_cell.length_b   120.350
_cell.length_c   42.280
_cell.angle_alpha   90.00
_cell.angle_beta   90.00
_cell.angle_gamma   120.00
#
_symmetry.space_group_name_H-M   'H 3'
#
loop_
_entity.id
_entity.type
_entity.pdbx_description
1 polymer 'Urokinase-type plasminogen activator chain B'
2 non-polymer 3-azanyl-5-(azepan-1-yl)-N-carbamimidoyl-6-(2,4-dimethoxypyrimidin-5-yl)pyrazine-2-carboxamide
3 water water
#
_entity_poly.entity_id   1
_entity_poly.type   'polypeptide(L)'
_entity_poly.pdbx_seq_one_letter_code
;IIGGEFTTIENQPWFAAIYRRHRGGSVTYVCGGSLISPCWVISATHCFIDYPKKEDYIVYLGRSRLNSNTQGEMKFEVEN
LILHKDYSADTLAHHNDIALLKIRSKEGRCAQPSRTIQTIALPSMYNDPQFGTSCEITGFGKEQSTDYLYPEQLKMTVVK
LISHRECQQPHYYGSEVTTKMLCAADPQWKTDSCQGDSGGPLVCSLQGRMTLTGIVSWGRGCALKDKPGVYTRVSHFLPW
IRSHTKEENGLAL
;
_entity_poly.pdbx_strand_id   U
#
loop_
_chem_comp.id
_chem_comp.type
_chem_comp.name
_chem_comp.formula
32I non-polymer 3-azanyl-5-(azepan-1-yl)-N-carbamimidoyl-6-(2,4-dimethoxypyrimidin-5-yl)pyrazine-2-carboxamide 'C18 H25 N9 O3'
#
# COMPACT_ATOMS: atom_id res chain seq x y z
N ILE A 1 -6.41 -8.70 -2.81
CA ILE A 1 -5.88 -9.02 -4.16
C ILE A 1 -6.82 -9.99 -4.88
N ILE A 2 -7.35 -9.55 -6.01
CA ILE A 2 -8.18 -10.38 -6.89
C ILE A 2 -7.24 -11.18 -7.77
N GLY A 3 -7.39 -12.49 -7.81
CA GLY A 3 -6.50 -13.33 -8.60
C GLY A 3 -5.12 -13.36 -7.98
N GLY A 4 -4.10 -13.40 -8.83
CA GLY A 4 -2.73 -13.49 -8.37
C GLY A 4 -2.45 -14.80 -7.67
N GLU A 5 -1.56 -14.76 -6.69
CA GLU A 5 -1.06 -15.96 -6.03
C GLU A 5 -0.81 -15.69 -4.55
N PHE A 6 -0.94 -16.72 -3.73
CA PHE A 6 -0.54 -16.62 -2.34
C PHE A 6 0.97 -16.58 -2.25
N THR A 7 1.45 -15.88 -1.24
CA THR A 7 2.87 -15.67 -1.06
C THR A 7 3.16 -15.67 0.43
N THR A 8 4.43 -15.50 0.78
CA THR A 8 4.84 -15.30 2.16
C THR A 8 5.65 -14.04 2.22
N ILE A 9 5.87 -13.56 3.43
CA ILE A 9 6.55 -12.29 3.66
C ILE A 9 7.99 -12.23 3.09
N GLU A 10 8.68 -13.37 2.99
CA GLU A 10 10.04 -13.37 2.40
C GLU A 10 10.10 -12.77 0.99
N ASN A 11 9.02 -12.96 0.27
CA ASN A 11 8.90 -12.42 -1.05
C ASN A 11 8.77 -10.91 -1.07
N GLN A 12 8.04 -10.35 -0.11
CA GLN A 12 7.77 -8.90 -0.04
C GLN A 12 8.02 -8.39 1.37
N PRO A 13 9.38 -8.47 1.70
CA PRO A 13 9.70 -8.32 3.12
C PRO A 13 9.59 -6.92 3.71
N TRP A 14 9.34 -5.95 2.87
CA TRP A 14 9.00 -4.57 3.26
C TRP A 14 7.53 -4.39 3.60
N PHE A 15 6.70 -5.43 3.38
CA PHE A 15 5.25 -5.27 3.58
C PHE A 15 4.92 -5.16 5.07
N ALA A 16 4.13 -4.13 5.41
CA ALA A 16 3.73 -3.87 6.78
C ALA A 16 2.23 -4.08 6.88
N ALA A 17 1.82 -4.72 7.97
CA ALA A 17 0.42 -5.03 8.24
C ALA A 17 -0.07 -4.13 9.37
N ILE A 18 -1.05 -3.29 9.08
CA ILE A 18 -1.50 -2.27 10.03
C ILE A 18 -2.90 -2.58 10.55
N TYR A 19 -3.03 -2.63 11.88
CA TYR A 19 -4.28 -2.98 12.58
C TYR A 19 -4.69 -1.87 13.52
N ARG A 20 -5.96 -1.87 13.91
CA ARG A 20 -6.50 -0.87 14.85
C ARG A 20 -7.12 -1.57 16.06
N ARG A 21 -6.84 -1.03 17.25
CA ARG A 21 -7.46 -1.48 18.50
C ARG A 21 -8.83 -0.83 18.62
N HIS A 22 -9.84 -1.62 18.98
CA HIS A 22 -11.18 -1.10 19.21
C HIS A 22 -11.40 -0.82 20.70
N ARG A 23 -12.02 0.32 20.98
CA ARG A 23 -12.77 0.55 22.22
C ARG A 23 -13.57 -0.71 22.61
N GLY A 24 -13.03 -1.47 23.56
CA GLY A 24 -13.58 -2.77 23.94
C GLY A 24 -12.49 -3.82 24.06
N GLY A 25 -11.59 -3.87 23.08
CA GLY A 25 -10.43 -4.77 23.11
C GLY A 25 -10.09 -5.48 21.81
N SER A 26 -11.07 -5.63 20.91
CA SER A 26 -10.84 -6.34 19.65
C SER A 26 -9.88 -5.58 18.73
N VAL A 27 -9.17 -6.32 17.89
CA VAL A 27 -8.18 -5.77 16.95
C VAL A 27 -8.54 -6.20 15.54
N THR A 28 -8.72 -5.24 14.63
CA THR A 28 -9.09 -5.53 13.23
C THR A 28 -8.04 -5.00 12.25
N TYR A 29 -7.96 -5.63 11.08
CA TYR A 29 -7.02 -5.17 10.05
C TYR A 29 -7.49 -3.86 9.42
N VAL A 30 -6.56 -2.95 9.17
CA VAL A 30 -6.86 -1.64 8.56
C VAL A 30 -6.38 -1.62 7.12
N CYS A 31 -5.06 -1.70 6.94
CA CYS A 31 -4.42 -1.43 5.66
C CYS A 31 -3.01 -2.00 5.63
N GLY A 32 -2.45 -2.04 4.42
CA GLY A 32 -1.05 -2.35 4.22
C GLY A 32 -0.16 -1.11 4.32
N GLY A 33 1.13 -1.36 4.29
CA GLY A 33 2.14 -0.30 4.30
C GLY A 33 3.45 -0.86 3.79
N SER A 34 4.46 -0.01 3.66
CA SER A 34 5.80 -0.44 3.24
C SER A 34 6.86 0.18 4.12
N LEU A 35 7.83 -0.64 4.54
CA LEU A 35 8.96 -0.17 5.35
C LEU A 35 9.99 0.49 4.44
N ILE A 36 10.20 1.79 4.65
CA ILE A 36 11.16 2.56 3.85
C ILE A 36 12.46 2.90 4.60
N SER A 37 12.43 2.80 5.93
CA SER A 37 13.64 2.80 6.74
C SER A 37 13.29 2.08 8.05
N PRO A 38 14.28 1.74 8.88
CA PRO A 38 13.96 0.98 10.09
C PRO A 38 12.82 1.54 10.96
N CYS A 39 12.70 2.87 11.05
CA CYS A 39 11.67 3.49 11.90
C CYS A 39 10.42 4.00 11.17
N TRP A 40 10.36 3.86 9.84
CA TRP A 40 9.30 4.49 9.04
C TRP A 40 8.57 3.56 8.08
N VAL A 41 7.25 3.52 8.22
CA VAL A 41 6.37 2.81 7.30
C VAL A 41 5.54 3.84 6.54
N ILE A 42 5.42 3.64 5.24
CA ILE A 42 4.62 4.52 4.38
C ILE A 42 3.32 3.82 3.96
N SER A 43 2.22 4.56 3.98
CA SER A 43 0.89 4.01 3.72
C SER A 43 0.02 5.08 3.07
N ALA A 44 -1.30 4.93 3.16
CA ALA A 44 -2.27 5.84 2.56
C ALA A 44 -3.02 6.59 3.67
N THR A 45 -3.19 7.91 3.51
CA THR A 45 -3.93 8.72 4.50
C THR A 45 -5.37 8.24 4.71
N HIS A 46 -6.05 7.80 3.67
CA HIS A 46 -7.48 7.41 3.78
C HIS A 46 -7.71 6.26 4.75
N CYS A 47 -6.68 5.44 4.96
CA CYS A 47 -6.72 4.37 5.94
C CYS A 47 -6.95 4.84 7.38
N PHE A 48 -6.51 6.06 7.69
CA PHE A 48 -6.44 6.58 9.04
C PHE A 48 -7.33 7.79 9.33
N ILE A 49 -7.90 8.39 8.29
CA ILE A 49 -8.51 9.71 8.42
C ILE A 49 -9.75 9.72 9.35
N ASP A 50 -10.49 8.62 9.38
CA ASP A 50 -11.64 8.48 10.29
C ASP A 50 -11.24 8.30 11.76
N TYR A 51 -10.09 7.68 12.01
CA TYR A 51 -9.57 7.46 13.36
C TYR A 51 -8.12 7.92 13.43
N PRO A 52 -7.86 9.25 13.44
CA PRO A 52 -6.50 9.75 13.29
C PRO A 52 -5.61 9.74 14.55
N LYS A 53 -5.99 8.95 15.56
CA LYS A 53 -5.26 8.86 16.81
C LYS A 53 -4.24 7.72 16.74
N LYS A 54 -2.95 8.09 16.77
CA LYS A 54 -1.82 7.13 16.67
C LYS A 54 -1.85 5.97 17.69
N GLU A 55 -2.38 6.22 18.89
CA GLU A 55 -2.40 5.21 19.96
C GLU A 55 -3.32 4.02 19.67
N ASP A 56 -4.24 4.18 18.72
CA ASP A 56 -5.15 3.11 18.34
C ASP A 56 -4.52 2.05 17.41
N TYR A 57 -3.32 2.30 16.86
CA TYR A 57 -2.77 1.43 15.81
C TYR A 57 -1.63 0.53 16.22
N ILE A 58 -1.58 -0.63 15.56
CA ILE A 58 -0.53 -1.61 15.76
C ILE A 58 0.01 -1.94 14.37
N VAL A 59 1.33 -1.98 14.24
CA VAL A 59 1.99 -2.32 12.99
C VAL A 59 2.82 -3.59 13.19
N TYR A 60 2.67 -4.53 12.27
CA TYR A 60 3.51 -5.72 12.22
C TYR A 60 4.37 -5.69 10.97
N LEU A 61 5.61 -6.14 11.14
CA LEU A 61 6.53 -6.46 10.05
C LEU A 61 6.86 -7.95 10.17
N GLY A 62 7.24 -8.54 9.04
CA GLY A 62 7.55 -9.98 9.00
C GLY A 62 6.36 -10.89 9.18
N ARG A 63 5.16 -10.40 8.86
CA ARG A 63 3.92 -11.14 9.07
C ARG A 63 3.32 -11.59 7.74
N SER A 64 3.07 -12.90 7.63
CA SER A 64 2.54 -13.53 6.41
C SER A 64 1.06 -13.91 6.52
N ARG A 65 0.51 -13.89 7.72
CA ARG A 65 -0.90 -14.25 7.94
C ARG A 65 -1.64 -13.20 8.75
N LEU A 66 -2.94 -13.12 8.48
CA LEU A 66 -3.76 -12.01 8.94
C LEU A 66 -4.04 -12.08 10.44
N ASN A 67 -4.44 -13.25 10.92
CA ASN A 67 -4.91 -13.43 12.30
C ASN A 67 -4.12 -14.46 13.09
N SER A 68 -2.94 -14.83 12.59
CA SER A 68 -2.02 -15.71 13.32
C SER A 68 -0.61 -15.13 13.25
N ASN A 69 0.22 -15.54 14.19
CA ASN A 69 1.55 -14.98 14.33
C ASN A 69 2.47 -15.72 13.38
N THR A 70 3.35 -14.97 12.72
CA THR A 70 4.38 -15.54 11.85
C THR A 70 5.68 -15.55 12.62
N GLN A 71 6.41 -16.66 12.52
CA GLN A 71 7.71 -16.78 13.19
C GLN A 71 8.65 -15.69 12.70
N GLY A 72 9.25 -14.97 13.64
CA GLY A 72 10.16 -13.86 13.33
C GLY A 72 9.52 -12.49 13.16
N GLU A 73 8.22 -12.41 13.27
CA GLU A 73 7.55 -11.12 13.16
C GLU A 73 7.86 -10.15 14.29
N MET A 74 7.73 -8.84 14.05
CA MET A 74 7.89 -7.79 15.04
C MET A 74 6.64 -6.92 15.05
N LYS A 75 6.30 -6.44 16.24
CA LYS A 75 5.10 -5.69 16.49
C LYS A 75 5.51 -4.36 17.03
N PHE A 76 4.84 -3.32 16.57
CA PHE A 76 5.19 -1.97 16.88
C PHE A 76 3.99 -1.11 17.24
N GLU A 77 4.21 -0.15 18.11
CA GLU A 77 3.33 0.97 18.32
C GLU A 77 3.64 2.05 17.31
N VAL A 78 2.73 3.00 17.15
CA VAL A 78 2.93 4.12 16.26
C VAL A 78 3.34 5.32 17.10
N GLU A 79 4.60 5.67 17.01
CA GLU A 79 5.15 6.86 17.63
C GLU A 79 4.65 8.20 17.01
N ASN A 80 4.50 8.23 15.71
CA ASN A 80 4.00 9.39 15.02
C ASN A 80 3.07 8.92 13.93
N LEU A 81 2.00 9.62 13.68
CA LEU A 81 1.17 9.33 12.53
C LEU A 81 1.05 10.62 11.73
N ILE A 82 1.63 10.61 10.53
CA ILE A 82 1.72 11.81 9.70
C ILE A 82 0.85 11.64 8.46
N LEU A 83 -0.25 12.41 8.41
CA LEU A 83 -1.16 12.38 7.27
C LEU A 83 -0.86 13.59 6.38
N HIS A 84 -1.14 13.47 5.09
CA HIS A 84 -0.82 14.54 4.16
C HIS A 84 -1.81 15.68 4.32
N LYS A 85 -1.30 16.87 4.64
CA LYS A 85 -2.11 18.08 4.89
C LYS A 85 -3.10 18.45 3.78
N ASP A 86 -2.70 18.20 2.54
CA ASP A 86 -3.54 18.40 1.35
C ASP A 86 -4.39 17.20 0.89
N TYR A 87 -4.64 16.26 1.77
CA TYR A 87 -5.56 15.16 1.48
C TYR A 87 -6.96 15.70 1.14
N SER A 88 -7.58 15.09 0.14
CA SER A 88 -8.99 15.32 -0.07
C SER A 88 -9.61 14.08 -0.66
N ALA A 89 -10.89 13.84 -0.42
CA ALA A 89 -11.52 12.75 -1.11
C ALA A 89 -12.79 13.15 -1.87
N ASP A 90 -12.87 12.75 -3.14
CA ASP A 90 -14.08 12.79 -4.01
C ASP A 90 -14.84 11.46 -3.86
N THR A 91 -15.92 11.32 -4.60
CA THR A 91 -16.79 10.17 -4.46
C THR A 91 -15.95 8.94 -4.69
N LEU A 92 -14.99 9.06 -5.59
CA LEU A 92 -14.06 8.00 -5.86
C LEU A 92 -12.60 8.32 -5.47
N ALA A 93 -12.05 9.40 -5.98
CA ALA A 93 -10.65 9.65 -5.90
C ALA A 93 -10.27 10.14 -4.56
N HIS A 94 -9.10 9.75 -4.12
CA HIS A 94 -8.42 10.30 -2.96
C HIS A 94 -7.18 10.99 -3.47
N HIS A 95 -7.07 12.29 -3.22
CA HIS A 95 -5.90 13.07 -3.62
C HIS A 95 -4.92 13.13 -2.47
N ASN A 96 -3.62 13.12 -2.80
CA ASN A 96 -2.54 13.16 -1.80
C ASN A 96 -2.70 12.07 -0.75
N ASP A 97 -2.99 10.87 -1.23
CA ASP A 97 -3.31 9.75 -0.39
C ASP A 97 -2.03 9.05 0.07
N ILE A 98 -1.35 9.68 1.01
CA ILE A 98 -0.04 9.23 1.47
C ILE A 98 0.11 9.56 2.94
N ALA A 99 0.72 8.64 3.68
CA ALA A 99 0.85 8.77 5.13
C ALA A 99 2.12 8.11 5.59
N LEU A 100 2.71 8.65 6.66
CA LEU A 100 3.91 8.09 7.27
C LEU A 100 3.62 7.69 8.72
N LEU A 101 4.10 6.51 9.08
CA LEU A 101 3.98 5.99 10.43
C LEU A 101 5.39 5.77 10.96
N LYS A 102 5.75 6.48 12.03
CA LYS A 102 6.99 6.17 12.73
C LYS A 102 6.68 5.07 13.73
N ILE A 103 7.40 3.98 13.65
CA ILE A 103 7.14 2.81 14.48
C ILE A 103 8.16 2.68 15.57
N ARG A 104 7.70 2.25 16.71
CA ARG A 104 8.60 1.85 17.73
C ARG A 104 7.99 0.86 18.68
N SER A 105 8.83 -0.04 19.14
CA SER A 105 8.39 -1.14 19.94
C SER A 105 8.15 -0.73 21.41
N LYS A 106 7.55 -1.60 22.19
CA LYS A 106 7.25 -1.38 23.59
C LYS A 106 8.53 -1.12 24.32
N GLU A 107 9.59 -1.67 23.80
CA GLU A 107 10.89 -1.55 24.37
C GLU A 107 11.74 -0.46 23.68
N GLY A 108 11.09 0.31 22.80
CA GLY A 108 11.71 1.48 22.24
C GLY A 108 12.59 1.35 21.02
N ARG A 109 12.44 0.26 20.33
CA ARG A 109 13.25 -0.04 19.18
C ARG A 109 12.52 0.04 17.83
N CYS A 110 13.27 0.21 16.77
CA CYS A 110 12.76 0.19 15.43
C CYS A 110 12.92 -1.17 14.84
N ALA A 111 12.68 -1.30 13.54
CA ALA A 111 12.78 -2.59 12.90
C ALA A 111 14.23 -3.07 12.82
N GLN A 112 14.39 -4.37 13.01
CA GLN A 112 15.63 -5.06 12.81
C GLN A 112 15.49 -5.90 11.58
N PRO A 113 16.31 -5.45 10.54
CA PRO A 113 16.19 -6.22 9.31
C PRO A 113 16.58 -7.68 9.43
N SER A 114 15.93 -8.51 8.64
CA SER A 114 16.01 -9.96 8.68
C SER A 114 15.62 -10.57 7.35
N ARG A 115 15.54 -11.89 7.25
CA ARG A 115 15.05 -12.49 6.03
C ARG A 115 13.60 -12.06 5.73
N THR A 116 12.83 -11.84 6.79
CA THR A 116 11.43 -11.50 6.66
C THR A 116 11.11 -10.03 6.76
N ILE A 117 12.11 -9.24 7.04
CA ILE A 117 11.93 -7.79 7.31
C ILE A 117 13.06 -7.01 6.64
N GLN A 118 12.72 -6.25 5.59
CA GLN A 118 13.68 -5.45 4.82
C GLN A 118 13.03 -4.17 4.36
N THR A 119 13.85 -3.14 4.12
CA THR A 119 13.34 -1.89 3.57
C THR A 119 13.18 -2.02 2.05
N ILE A 120 12.33 -1.16 1.47
CA ILE A 120 12.18 -1.00 0.00
C ILE A 120 12.74 0.38 -0.39
N ALA A 121 13.49 0.42 -1.49
CA ALA A 121 14.05 1.68 -1.99
C ALA A 121 12.98 2.58 -2.58
N LEU A 122 13.13 3.88 -2.35
CA LEU A 122 12.27 4.88 -2.98
C LEU A 122 12.81 5.19 -4.38
N PRO A 123 11.92 5.61 -5.30
CA PRO A 123 12.38 5.99 -6.63
C PRO A 123 13.13 7.32 -6.61
N SER A 124 13.89 7.58 -7.66
CA SER A 124 14.48 8.90 -7.85
C SER A 124 13.38 9.82 -8.36
N MET A 125 13.54 11.10 -8.07
CA MET A 125 12.58 12.16 -8.42
C MET A 125 11.99 12.06 -9.83
N TYR A 126 10.66 12.03 -9.90
CA TYR A 126 9.91 12.04 -11.17
C TYR A 126 10.31 10.93 -12.17
N ASN A 127 10.87 9.84 -11.65
CA ASN A 127 11.37 8.73 -12.45
C ASN A 127 10.50 7.52 -12.19
N ASP A 128 9.66 7.19 -13.16
CA ASP A 128 8.81 6.01 -13.12
C ASP A 128 9.13 5.13 -14.31
N PRO A 129 8.72 3.84 -14.26
CA PRO A 129 8.86 3.00 -15.44
C PRO A 129 7.92 3.43 -16.56
N GLN A 130 8.23 2.99 -17.75
CA GLN A 130 7.40 3.14 -18.91
C GLN A 130 6.15 2.34 -18.77
N PHE A 131 5.13 2.80 -19.43
CA PHE A 131 3.91 2.09 -19.46
C PHE A 131 4.15 0.73 -20.08
N GLY A 132 3.36 -0.20 -19.60
CA GLY A 132 3.45 -1.57 -19.95
C GLY A 132 4.38 -2.35 -19.08
N THR A 133 5.07 -1.66 -18.20
CA THR A 133 6.01 -2.29 -17.27
C THR A 133 5.23 -3.08 -16.24
N SER A 134 5.66 -4.32 -16.00
CA SER A 134 5.03 -5.21 -15.03
C SER A 134 5.52 -4.87 -13.64
N CYS A 135 4.60 -4.56 -12.71
CA CYS A 135 4.91 -4.35 -11.32
C CYS A 135 4.07 -5.27 -10.42
N GLU A 136 4.51 -5.42 -9.19
CA GLU A 136 3.93 -6.36 -8.25
C GLU A 136 3.17 -5.60 -7.20
N ILE A 137 2.00 -6.11 -6.81
CA ILE A 137 1.24 -5.55 -5.71
C ILE A 137 0.98 -6.62 -4.67
N THR A 138 0.94 -6.23 -3.40
CA THR A 138 0.88 -7.19 -2.30
C THR A 138 -0.14 -6.71 -1.27
N GLY A 139 -0.84 -7.65 -0.64
CA GLY A 139 -1.74 -7.30 0.46
C GLY A 139 -2.65 -8.41 0.96
N PHE A 140 -3.38 -8.06 2.01
CA PHE A 140 -4.39 -8.95 2.63
C PHE A 140 -5.83 -8.57 2.23
N GLY A 141 -5.98 -7.86 1.12
CA GLY A 141 -7.30 -7.38 0.69
C GLY A 141 -8.17 -8.49 0.13
N LYS A 142 -9.43 -8.14 -0.12
CA LYS A 142 -10.40 -9.13 -0.56
C LYS A 142 -9.97 -9.87 -1.83
N GLU A 143 -10.35 -11.14 -1.91
CA GLU A 143 -10.08 -11.97 -3.06
C GLU A 143 -11.15 -11.86 -4.10
N GLN A 144 -12.32 -11.41 -3.69
CA GLN A 144 -13.40 -11.09 -4.59
C GLN A 144 -14.11 -9.85 -4.03
N SER A 145 -14.62 -9.03 -4.91
CA SER A 145 -15.22 -7.78 -4.50
C SER A 145 -16.37 -8.07 -3.56
N THR A 146 -17.14 -9.14 -3.81
CA THR A 146 -18.32 -9.52 -3.02
C THR A 146 -18.01 -10.20 -1.68
N ASP A 147 -16.76 -10.62 -1.45
CA ASP A 147 -16.40 -11.32 -0.21
C ASP A 147 -16.61 -10.45 1.02
N TYR A 148 -16.98 -11.10 2.12
CA TYR A 148 -17.05 -10.48 3.43
C TYR A 148 -15.70 -10.61 4.12
N LEU A 149 -15.11 -11.80 4.03
CA LEU A 149 -13.81 -12.08 4.66
C LEU A 149 -12.63 -11.57 3.83
N TYR A 150 -11.54 -11.29 4.54
CA TYR A 150 -10.22 -11.10 3.94
C TYR A 150 -9.48 -12.43 3.98
N PRO A 151 -8.58 -12.65 3.03
CA PRO A 151 -7.77 -13.86 3.08
C PRO A 151 -6.88 -13.86 4.29
N GLU A 152 -6.70 -15.06 4.83
CA GLU A 152 -5.78 -15.31 5.91
C GLU A 152 -4.30 -15.20 5.52
N GLN A 153 -3.97 -15.65 4.32
CA GLN A 153 -2.63 -15.70 3.79
C GLN A 153 -2.37 -14.50 2.85
N LEU A 154 -1.20 -13.93 2.98
CA LEU A 154 -0.81 -12.80 2.13
C LEU A 154 -0.83 -13.18 0.66
N LYS A 155 -1.23 -12.25 -0.20
CA LYS A 155 -1.23 -12.44 -1.65
C LYS A 155 -0.42 -11.37 -2.37
N MET A 156 -0.03 -11.72 -3.58
CA MET A 156 0.58 -10.81 -4.51
C MET A 156 0.14 -11.08 -5.95
N THR A 157 0.23 -10.09 -6.79
CA THR A 157 -0.09 -10.24 -8.19
C THR A 157 0.72 -9.27 -9.03
N VAL A 158 0.60 -9.40 -10.33
CA VAL A 158 1.26 -8.54 -11.29
C VAL A 158 0.22 -7.72 -12.01
N VAL A 159 0.49 -6.43 -12.14
CA VAL A 159 -0.32 -5.52 -12.95
C VAL A 159 0.65 -4.73 -13.84
N LYS A 160 0.13 -4.17 -14.92
CA LYS A 160 0.94 -3.38 -15.85
C LYS A 160 0.59 -1.91 -15.74
N LEU A 161 1.62 -1.06 -15.74
CA LEU A 161 1.43 0.38 -15.69
C LEU A 161 0.71 0.85 -16.94
N ILE A 162 -0.24 1.76 -16.75
CA ILE A 162 -1.04 2.35 -17.81
C ILE A 162 -0.61 3.82 -17.91
N SER A 163 -0.58 4.32 -19.13
CA SER A 163 -0.17 5.70 -19.35
C SER A 163 -1.19 6.69 -18.78
N HIS A 164 -0.75 7.89 -18.42
CA HIS A 164 -1.68 8.87 -17.95
C HIS A 164 -2.73 9.19 -18.99
N ARG A 165 -2.37 9.22 -20.25
CA ARG A 165 -3.34 9.48 -21.27
C ARG A 165 -4.42 8.45 -21.38
N GLU A 166 -4.04 7.18 -21.26
CA GLU A 166 -4.99 6.10 -21.28
C GLU A 166 -5.97 6.12 -20.08
N CYS A 167 -5.43 6.38 -18.91
CA CYS A 167 -6.18 6.47 -17.70
C CYS A 167 -7.21 7.59 -17.61
N GLN A 168 -6.87 8.71 -18.21
CA GLN A 168 -7.74 9.91 -18.17
C GLN A 168 -8.89 9.85 -19.21
N GLN A 169 -8.94 8.82 -20.02
CA GLN A 169 -10.03 8.67 -20.96
C GLN A 169 -11.29 8.64 -20.17
N PRO A 170 -12.38 9.22 -20.81
CA PRO A 170 -13.62 9.21 -20.03
C PRO A 170 -14.13 7.85 -19.62
N HIS A 171 -14.02 6.81 -20.43
CA HIS A 171 -14.56 5.52 -20.03
C HIS A 171 -13.74 4.85 -18.94
N TYR A 172 -12.56 5.37 -18.68
CA TYR A 172 -11.76 4.99 -17.56
C TYR A 172 -12.10 5.89 -16.39
N TYR A 173 -11.29 6.88 -16.06
CA TYR A 173 -11.54 7.72 -14.88
C TYR A 173 -11.67 9.22 -15.16
N GLY A 174 -11.49 9.61 -16.40
CA GLY A 174 -11.51 11.02 -16.73
C GLY A 174 -10.50 11.79 -15.95
N SER A 175 -10.89 12.92 -15.38
CA SER A 175 -9.97 13.78 -14.65
C SER A 175 -9.76 13.36 -13.21
N GLU A 176 -10.39 12.28 -12.80
CA GLU A 176 -10.31 11.83 -11.42
C GLU A 176 -8.86 11.52 -11.15
N VAL A 177 -8.22 10.96 -12.15
CA VAL A 177 -6.79 10.65 -12.10
C VAL A 177 -5.97 11.91 -12.41
N THR A 178 -5.00 12.20 -11.54
CA THR A 178 -4.10 13.34 -11.69
C THR A 178 -2.68 12.85 -11.98
N THR A 179 -1.77 13.78 -12.23
CA THR A 179 -0.35 13.46 -12.46
C THR A 179 0.39 12.98 -11.20
N LYS A 180 -0.22 13.16 -10.02
CA LYS A 180 0.29 12.59 -8.77
C LYS A 180 -0.25 11.18 -8.48
N MET A 181 -0.97 10.60 -9.44
CA MET A 181 -1.44 9.22 -9.38
C MET A 181 -0.85 8.40 -10.52
N LEU A 182 -0.87 7.07 -10.34
CA LEU A 182 -0.52 6.11 -11.39
C LEU A 182 -1.64 5.09 -11.49
N CYS A 183 -1.96 4.68 -12.71
CA CYS A 183 -2.91 3.60 -12.94
C CYS A 183 -2.17 2.34 -13.32
N ALA A 184 -2.72 1.20 -12.89
CA ALA A 184 -2.16 -0.09 -13.25
C ALA A 184 -3.28 -1.11 -13.32
N ALA A 185 -3.15 -2.05 -14.23
CA ALA A 185 -4.18 -3.01 -14.41
C ALA A 185 -3.72 -4.22 -15.20
N ASP A 186 -4.50 -5.28 -15.17
CA ASP A 186 -4.23 -6.44 -15.98
C ASP A 186 -4.87 -6.23 -17.37
N PRO A 187 -4.12 -6.77 -18.43
CA PRO A 187 -4.75 -6.63 -19.75
C PRO A 187 -6.12 -7.29 -19.91
N GLN A 188 -6.37 -8.36 -19.17
CA GLN A 188 -7.71 -8.93 -19.12
C GLN A 188 -8.61 -8.45 -17.97
N TRP A 189 -8.12 -7.53 -17.17
CA TRP A 189 -8.81 -7.07 -16.01
C TRP A 189 -9.06 -8.21 -15.01
N LYS A 190 -8.29 -9.28 -15.08
CA LYS A 190 -8.55 -10.44 -14.29
C LYS A 190 -7.95 -10.46 -12.89
N THR A 191 -7.04 -9.53 -12.60
CA THR A 191 -6.37 -9.47 -11.33
C THR A 191 -6.12 -7.99 -10.94
N ASP A 192 -6.19 -7.69 -9.66
CA ASP A 192 -6.23 -6.30 -9.20
C ASP A 192 -6.06 -6.21 -7.70
N SER A 193 -5.82 -5.00 -7.20
CA SER A 193 -5.99 -4.69 -5.79
C SER A 193 -7.47 -4.50 -5.48
N CYS A 194 -7.82 -4.54 -4.20
CA CYS A 194 -9.19 -4.42 -3.75
C CYS A 194 -9.23 -3.87 -2.32
N GLN A 195 -10.42 -3.76 -1.78
CA GLN A 195 -10.59 -3.30 -0.42
C GLN A 195 -9.71 -4.13 0.52
N GLY A 196 -9.03 -3.44 1.40
CA GLY A 196 -8.06 -4.01 2.30
C GLY A 196 -6.61 -4.04 1.81
N ASP A 197 -6.41 -3.83 0.53
CA ASP A 197 -5.06 -3.66 -0.03
C ASP A 197 -4.55 -2.22 0.03
N SER A 198 -5.43 -1.26 0.35
CA SER A 198 -5.05 0.15 0.48
C SER A 198 -3.80 0.33 1.32
N GLY A 199 -2.95 1.26 0.91
CA GLY A 199 -1.74 1.56 1.64
C GLY A 199 -0.55 0.67 1.27
N GLY A 200 -0.81 -0.47 0.64
CA GLY A 200 0.26 -1.39 0.29
C GLY A 200 1.09 -0.99 -0.93
N PRO A 201 2.18 -1.72 -1.17
CA PRO A 201 3.16 -1.39 -2.20
C PRO A 201 2.78 -1.79 -3.62
N LEU A 202 3.09 -0.92 -4.56
CA LEU A 202 3.21 -1.27 -5.97
C LEU A 202 4.71 -1.14 -6.24
N VAL A 203 5.37 -2.28 -6.53
CA VAL A 203 6.82 -2.35 -6.65
C VAL A 203 7.21 -2.66 -8.09
N CYS A 204 8.14 -1.87 -8.63
CA CYS A 204 8.64 -2.06 -9.99
C CYS A 204 10.16 -2.15 -9.98
N SER A 205 10.72 -2.75 -11.01
CA SER A 205 12.17 -2.80 -11.07
C SER A 205 12.62 -1.50 -11.73
N LEU A 206 13.35 -0.69 -10.99
CA LEU A 206 13.83 0.56 -11.51
C LEU A 206 15.33 0.67 -11.28
N GLN A 207 16.06 0.96 -12.33
CA GLN A 207 17.52 1.02 -12.28
C GLN A 207 18.03 -0.25 -11.63
N GLY A 208 17.40 -1.32 -12.03
CA GLY A 208 17.90 -2.61 -11.75
C GLY A 208 17.63 -3.00 -10.37
N ARG A 209 16.71 -2.30 -9.69
CA ARG A 209 16.41 -2.58 -8.29
C ARG A 209 14.90 -2.46 -7.94
N MET A 210 14.39 -3.31 -7.05
CA MET A 210 12.97 -3.20 -6.68
C MET A 210 12.80 -1.84 -6.02
N THR A 211 11.76 -1.11 -6.45
CA THR A 211 11.52 0.27 -6.05
C THR A 211 10.03 0.50 -5.76
N LEU A 212 9.73 1.24 -4.70
CA LEU A 212 8.35 1.57 -4.35
C LEU A 212 7.82 2.67 -5.29
N THR A 213 7.10 2.24 -6.32
CA THR A 213 6.61 3.13 -7.36
C THR A 213 5.25 3.73 -7.01
N GLY A 214 4.41 2.93 -6.36
CA GLY A 214 3.08 3.38 -5.97
C GLY A 214 2.61 2.85 -4.65
N ILE A 215 1.52 3.45 -4.16
CA ILE A 215 0.83 3.05 -2.95
C ILE A 215 -0.64 2.84 -3.32
N VAL A 216 -1.19 1.68 -2.98
CA VAL A 216 -2.58 1.35 -3.36
C VAL A 216 -3.53 2.40 -2.76
N SER A 217 -4.32 3.04 -3.61
CA SER A 217 -5.15 4.18 -3.18
C SER A 217 -6.65 3.98 -3.42
N TRP A 218 -7.04 3.80 -4.68
CA TRP A 218 -8.47 3.69 -5.00
C TRP A 218 -8.74 3.02 -6.34
N GLY A 219 -10.01 2.74 -6.55
CA GLY A 219 -10.50 2.35 -7.84
C GLY A 219 -12.01 2.18 -7.79
N ARG A 220 -12.63 2.03 -8.94
CA ARG A 220 -14.04 1.75 -9.02
C ARG A 220 -14.25 0.22 -9.13
N GLY A 221 -14.72 -0.37 -8.16
CA GLY A 221 -14.74 -1.79 -7.89
C GLY A 221 -13.32 -2.35 -7.92
N CYS A 222 -13.21 -3.62 -8.26
CA CYS A 222 -11.96 -4.30 -8.39
C CYS A 222 -12.02 -5.21 -9.58
N ALA A 223 -10.99 -5.23 -10.39
CA ALA A 223 -10.90 -6.13 -11.52
C ALA A 223 -12.13 -6.03 -12.42
N LEU A 224 -12.57 -4.80 -12.67
CA LEU A 224 -13.64 -4.53 -13.56
C LEU A 224 -13.06 -3.91 -14.82
N LYS A 225 -13.58 -4.29 -15.99
CA LYS A 225 -13.21 -3.67 -17.25
C LYS A 225 -13.28 -2.11 -17.19
N ASP A 226 -12.21 -1.58 -17.83
CA ASP A 226 -11.99 -0.13 -17.95
C ASP A 226 -11.85 0.63 -16.63
N LYS A 227 -11.57 -0.06 -15.52
CA LYS A 227 -11.45 0.58 -14.22
C LYS A 227 -10.17 0.08 -13.53
N PRO A 228 -9.01 0.64 -13.93
CA PRO A 228 -7.75 0.22 -13.33
C PRO A 228 -7.65 0.51 -11.83
N GLY A 229 -6.68 -0.12 -11.17
CA GLY A 229 -6.29 0.32 -9.82
C GLY A 229 -5.57 1.64 -9.94
N VAL A 230 -5.77 2.51 -8.95
CA VAL A 230 -5.11 3.81 -8.91
C VAL A 230 -4.24 3.88 -7.67
N TYR A 231 -3.04 4.41 -7.86
CA TYR A 231 -1.96 4.36 -6.89
C TYR A 231 -1.38 5.75 -6.71
N THR A 232 -0.99 6.08 -5.49
CA THR A 232 -0.29 7.34 -5.23
C THR A 232 1.10 7.24 -5.87
N ARG A 233 1.45 8.24 -6.67
CA ARG A 233 2.69 8.21 -7.45
C ARG A 233 3.84 8.69 -6.58
N VAL A 234 4.59 7.75 -6.01
CA VAL A 234 5.57 8.01 -4.95
C VAL A 234 6.67 8.98 -5.38
N SER A 235 7.08 8.88 -6.65
CA SER A 235 8.13 9.75 -7.20
C SER A 235 7.77 11.24 -7.26
N HIS A 236 6.51 11.59 -7.04
CA HIS A 236 6.05 12.99 -6.98
C HIS A 236 5.92 13.52 -5.54
N PHE A 237 6.26 12.70 -4.54
CA PHE A 237 6.13 13.05 -3.13
C PHE A 237 7.45 12.98 -2.36
N LEU A 238 8.58 12.94 -3.06
CA LEU A 238 9.87 12.73 -2.38
C LEU A 238 10.24 13.85 -1.39
N PRO A 239 10.01 15.14 -1.75
CA PRO A 239 10.27 16.20 -0.79
C PRO A 239 9.43 16.06 0.49
N TRP A 240 8.16 15.73 0.32
CA TRP A 240 7.26 15.47 1.47
C TRP A 240 7.78 14.31 2.33
N ILE A 241 8.21 13.22 1.68
CA ILE A 241 8.72 12.05 2.42
C ILE A 241 10.03 12.36 3.12
N ARG A 242 10.96 12.99 2.39
CA ARG A 242 12.26 13.36 2.98
C ARG A 242 12.10 14.35 4.14
N SER A 243 11.22 15.33 3.99
CA SER A 243 10.99 16.32 5.04
C SER A 243 10.36 15.70 6.29
N HIS A 244 9.31 14.90 6.12
CA HIS A 244 8.60 14.31 7.27
C HIS A 244 9.26 13.09 7.93
N THR A 245 10.39 12.60 7.38
CA THR A 245 11.14 11.52 8.02
C THR A 245 12.46 12.03 8.63
N1 32I B . -12.53 0.25 -0.79
O1 32I B . -7.82 -0.70 -5.02
C11 32I B . -9.03 -0.72 -5.20
N3 32I B . -9.63 -0.90 -6.38
C12 32I B . -9.05 -1.26 -7.52
N5 32I B . -7.81 -1.48 -7.56
N4 32I B . -9.80 -1.34 -8.61
C18 32I B . -9.94 -0.49 -4.04
N8 32I B . -11.27 -0.64 -4.22
C8 32I B . -12.17 -0.43 -3.24
C10 32I B . -13.57 -0.67 -3.71
C13 32I B . -14.21 0.36 -4.41
C15 32I B . -14.24 -1.87 -3.51
O3 32I B . -13.68 -2.92 -2.84
C17 32I B . -14.45 -4.08 -2.47
N7 32I B . -15.50 -2.00 -3.99
C14 32I B . -16.12 -1.00 -4.65
N6 32I B . -15.47 0.17 -4.86
O2 32I B . -17.40 -1.21 -5.09
C16 32I B . -17.82 -1.05 -6.44
C9 32I B . -9.48 -0.09 -2.79
N2 32I B . -8.16 0.09 -2.57
N9 32I B . -10.37 0.12 -1.79
C7 32I B . -11.72 -0.03 -1.95
C6 32I B . -14.00 0.13 -0.76
C1 32I B . -14.67 1.18 0.15
C5 32I B . -11.86 0.64 0.45
C4 32I B . -11.97 2.16 0.68
C3 32I B . -12.83 2.93 -0.32
C2 32I B . -14.32 2.61 -0.24
#